data_8SCC
#
_entry.id   8SCC
#
_cell.length_a   125.310
_cell.length_b   55.796
_cell.length_c   107.732
_cell.angle_alpha   90.00
_cell.angle_beta   110.00
_cell.angle_gamma   90.00
#
_symmetry.space_group_name_H-M   'C 1 2 1'
#
loop_
_entity.id
_entity.type
_entity.pdbx_description
1 polymer 'L-galactose dehydrogenase'
2 water water
#
_entity_poly.entity_id   1
_entity_poly.type   'polypeptide(L)'
_entity_poly.pdbx_seq_one_letter_code
;MHHHHHHGKPIPNPLLGLDSTENLYFQGIDPFTMWELQMAASPPANLELRPLGSTGLKVSCVGFGASPLGRVFGPVSEDE
AVASVREAFRLGINFFDTSPYYGGTLSEKMLGMALKASGVPRDQYVVSTKCGRYKEGFDFSAERVTRSIDESLERLQLDY
VDILQCHDIEFGSLDQIVNETIPALLKLKQTGKIRFIGITGLPLGIFTYVLDRVPPGSVDVVLSYCHFSINDNTLEDLLP
YLKSKGVGIISASPLAMGLLTEGGPPEWHPAPPELKSACQDAAAFCQKKGKNISKLAMQYSLTNKDISSVLVGMNSVKQV
GENVAAAIELVSAGMDQEMLSEVEAILKPGKNLTWPSGIQQS
;
_entity_poly.pdbx_strand_id   A,B
#
# COMPACT_ATOMS: atom_id res chain seq x y z
N LEU A 47 13.31 -8.77 -14.67
CA LEU A 47 12.09 -9.58 -14.60
C LEU A 47 11.93 -10.36 -15.92
N GLU A 48 11.79 -11.68 -15.81
CA GLU A 48 11.78 -12.53 -16.99
C GLU A 48 10.62 -12.22 -17.92
N LEU A 49 10.90 -12.10 -19.21
CA LEU A 49 9.87 -12.06 -20.23
C LEU A 49 9.73 -13.44 -20.84
N ARG A 50 8.49 -13.85 -21.11
CA ARG A 50 8.15 -15.14 -21.69
C ARG A 50 7.37 -14.96 -22.99
N PRO A 51 7.61 -15.79 -24.01
CA PRO A 51 6.83 -15.67 -25.24
C PRO A 51 5.39 -16.05 -25.00
N LEU A 52 4.47 -15.28 -25.59
CA LEU A 52 3.02 -15.52 -25.48
C LEU A 52 2.55 -16.24 -26.74
N GLY A 53 2.43 -17.57 -26.64
CA GLY A 53 1.95 -18.41 -27.75
C GLY A 53 2.66 -18.15 -29.06
N SER A 54 1.87 -17.95 -30.12
CA SER A 54 2.37 -17.65 -31.45
C SER A 54 2.23 -16.18 -31.83
N THR A 55 1.93 -15.32 -30.85
CA THR A 55 1.70 -13.92 -31.12
C THR A 55 2.96 -13.17 -31.52
N GLY A 56 4.14 -13.69 -31.17
CA GLY A 56 5.36 -12.90 -31.25
C GLY A 56 5.53 -11.85 -30.16
N LEU A 57 4.60 -11.73 -29.22
CA LEU A 57 4.77 -10.86 -28.07
C LEU A 57 5.58 -11.56 -27.00
N LYS A 58 6.25 -10.76 -26.17
CA LYS A 58 6.91 -11.25 -24.95
C LYS A 58 6.35 -10.47 -23.77
N VAL A 59 5.74 -11.19 -22.83
CA VAL A 59 5.13 -10.55 -21.66
C VAL A 59 5.92 -10.91 -20.41
N SER A 60 5.90 -10.00 -19.44
CA SER A 60 6.56 -10.23 -18.17
C SER A 60 5.86 -11.35 -17.40
N CYS A 61 6.65 -12.21 -16.76
CA CYS A 61 6.06 -13.36 -16.07
C CYS A 61 5.13 -12.93 -14.93
N VAL A 62 5.29 -11.73 -14.41
CA VAL A 62 4.30 -11.11 -13.52
C VAL A 62 3.53 -10.08 -14.34
N GLY A 63 2.21 -10.22 -14.39
CA GLY A 63 1.37 -9.29 -15.12
C GLY A 63 0.59 -8.39 -14.18
N PHE A 64 0.33 -7.17 -14.65
CA PHE A 64 -0.35 -6.14 -13.85
C PHE A 64 -1.85 -6.29 -14.04
N GLY A 65 -2.51 -6.93 -13.09
CA GLY A 65 -3.96 -6.97 -13.13
C GLY A 65 -4.51 -5.66 -12.60
N ALA A 66 -5.20 -4.90 -13.46
CA ALA A 66 -5.64 -3.55 -13.14
C ALA A 66 -7.04 -3.49 -12.53
N SER A 67 -7.63 -4.62 -12.19
CA SER A 67 -8.95 -4.57 -11.55
C SER A 67 -8.97 -3.75 -10.28
N PRO A 68 -7.98 -3.82 -9.37
CA PRO A 68 -8.02 -2.96 -8.16
C PRO A 68 -7.96 -1.46 -8.45
N LEU A 69 -7.50 -1.03 -9.63
CA LEU A 69 -7.51 0.41 -9.93
C LEU A 69 -8.92 0.95 -10.09
N GLY A 70 -9.92 0.08 -10.25
CA GLY A 70 -11.30 0.51 -10.17
C GLY A 70 -11.88 0.48 -8.77
N ARG A 71 -11.06 0.19 -7.77
CA ARG A 71 -11.49 -0.02 -6.38
C ARG A 71 -12.43 -1.21 -6.28
N SER A 77 -7.01 6.87 -5.59
CA SER A 77 -6.96 8.10 -6.37
C SER A 77 -6.11 7.93 -7.64
N GLU A 78 -6.03 9.01 -8.41
CA GLU A 78 -5.32 8.98 -9.67
C GLU A 78 -3.81 8.98 -9.47
N ASP A 79 -3.33 9.77 -8.49
CA ASP A 79 -1.89 9.78 -8.19
C ASP A 79 -1.39 8.40 -7.82
N GLU A 80 -2.18 7.64 -7.06
CA GLU A 80 -1.80 6.29 -6.69
C GLU A 80 -1.75 5.37 -7.90
N ALA A 81 -2.75 5.47 -8.78
CA ALA A 81 -2.75 4.63 -9.97
C ALA A 81 -1.55 4.95 -10.87
N VAL A 82 -1.21 6.23 -11.00
CA VAL A 82 -0.07 6.63 -11.80
C VAL A 82 1.23 6.07 -11.20
N ALA A 83 1.40 6.23 -9.89
CA ALA A 83 2.61 5.77 -9.23
C ALA A 83 2.77 4.25 -9.36
N SER A 84 1.68 3.50 -9.17
CA SER A 84 1.81 2.06 -9.20
C SER A 84 2.15 1.54 -10.60
N VAL A 85 1.61 2.18 -11.64
CA VAL A 85 1.91 1.77 -13.01
C VAL A 85 3.34 2.16 -13.38
N ARG A 86 3.78 3.34 -12.93
CA ARG A 86 5.15 3.79 -13.13
C ARG A 86 6.13 2.80 -12.54
N GLU A 87 5.88 2.36 -11.30
CA GLU A 87 6.76 1.39 -10.67
C GLU A 87 6.73 0.04 -11.38
N ALA A 88 5.55 -0.37 -11.84
CA ALA A 88 5.46 -1.58 -12.66
C ALA A 88 6.45 -1.51 -13.83
N PHE A 89 6.40 -0.42 -14.60
CA PHE A 89 7.34 -0.28 -15.73
C PHE A 89 8.78 -0.30 -15.24
N ARG A 90 9.07 0.44 -14.15
CA ARG A 90 10.43 0.51 -13.62
C ARG A 90 11.02 -0.85 -13.33
N LEU A 91 10.21 -1.76 -12.81
CA LEU A 91 10.65 -3.06 -12.35
C LEU A 91 10.59 -4.14 -13.44
N GLY A 92 10.26 -3.79 -14.67
CA GLY A 92 10.23 -4.77 -15.76
C GLY A 92 8.88 -5.31 -16.19
N ILE A 93 7.77 -4.94 -15.53
CA ILE A 93 6.45 -5.40 -15.98
C ILE A 93 6.08 -4.68 -17.27
N ASN A 94 5.57 -5.44 -18.26
CA ASN A 94 5.17 -4.83 -19.52
C ASN A 94 3.80 -5.30 -19.97
N PHE A 95 3.02 -5.88 -19.07
CA PHE A 95 1.75 -6.52 -19.42
C PHE A 95 0.66 -6.08 -18.46
N PHE A 96 -0.43 -5.55 -18.99
CA PHE A 96 -1.50 -4.95 -18.20
C PHE A 96 -2.85 -5.48 -18.69
N ASP A 97 -3.65 -6.04 -17.78
CA ASP A 97 -4.96 -6.61 -18.12
C ASP A 97 -6.06 -5.91 -17.33
N THR A 98 -7.22 -5.73 -17.98
CA THR A 98 -8.37 -5.05 -17.38
C THR A 98 -9.64 -5.62 -18.01
N SER A 99 -10.78 -4.94 -17.76
CA SER A 99 -12.09 -5.32 -18.28
C SER A 99 -13.08 -4.19 -18.00
N PRO A 100 -14.06 -3.97 -18.87
CA PRO A 100 -15.12 -2.98 -18.53
C PRO A 100 -15.90 -3.35 -17.29
N TYR A 101 -15.91 -4.64 -16.91
CA TYR A 101 -16.60 -5.07 -15.69
C TYR A 101 -15.97 -4.49 -14.43
N TYR A 102 -14.64 -4.36 -14.43
CA TYR A 102 -13.92 -3.99 -13.21
C TYR A 102 -14.25 -2.55 -12.81
N GLY A 103 -14.71 -2.38 -11.58
CA GLY A 103 -15.12 -1.07 -11.12
C GLY A 103 -16.22 -0.43 -11.95
N GLY A 104 -16.99 -1.23 -12.67
CA GLY A 104 -18.07 -0.67 -13.48
C GLY A 104 -17.59 0.32 -14.51
N THR A 105 -16.43 0.03 -15.14
CA THR A 105 -15.68 0.76 -16.16
C THR A 105 -14.62 1.70 -15.57
N LEU A 106 -14.56 1.88 -14.25
CA LEU A 106 -13.56 2.81 -13.70
C LEU A 106 -12.13 2.26 -13.84
N SER A 107 -11.95 0.94 -13.79
CA SER A 107 -10.60 0.38 -13.95
C SER A 107 -10.00 0.75 -15.29
N GLU A 108 -10.78 0.59 -16.37
CA GLU A 108 -10.26 0.97 -17.68
C GLU A 108 -9.89 2.45 -17.73
N LYS A 109 -10.71 3.32 -17.10
CA LYS A 109 -10.40 4.75 -17.10
C LYS A 109 -9.13 5.05 -16.31
N MET A 110 -8.95 4.42 -15.15
CA MET A 110 -7.78 4.69 -14.31
C MET A 110 -6.51 4.14 -14.97
N LEU A 111 -6.56 2.92 -15.50
CA LEU A 111 -5.43 2.37 -16.25
C LEU A 111 -5.10 3.24 -17.45
N GLY A 112 -6.13 3.70 -18.18
CA GLY A 112 -5.85 4.53 -19.34
C GLY A 112 -5.08 5.78 -18.96
N MET A 113 -5.46 6.41 -17.85
CA MET A 113 -4.80 7.63 -17.41
C MET A 113 -3.39 7.33 -16.89
N ALA A 114 -3.20 6.20 -16.19
CA ALA A 114 -1.88 5.87 -15.65
C ALA A 114 -0.92 5.46 -16.76
N LEU A 115 -1.40 4.74 -17.78
CA LEU A 115 -0.55 4.42 -18.91
C LEU A 115 -0.18 5.67 -19.69
N LYS A 116 -1.12 6.60 -19.87
CA LYS A 116 -0.81 7.82 -20.60
C LYS A 116 0.20 8.69 -19.86
N ALA A 117 0.18 8.67 -18.53
CA ALA A 117 1.15 9.46 -17.77
C ALA A 117 2.52 8.79 -17.70
N SER A 118 2.66 7.56 -18.20
CA SER A 118 3.90 6.81 -17.99
C SER A 118 5.03 7.26 -18.91
N GLY A 119 4.73 7.82 -20.08
CA GLY A 119 5.74 8.15 -21.06
C GLY A 119 6.38 6.96 -21.78
N VAL A 120 5.89 5.75 -21.59
CA VAL A 120 6.51 4.59 -22.22
C VAL A 120 5.95 4.41 -23.63
N PRO A 121 6.79 4.15 -24.63
CA PRO A 121 6.27 3.93 -25.99
C PRO A 121 5.25 2.80 -25.98
N ARG A 122 4.15 3.01 -26.72
CA ARG A 122 3.04 2.07 -26.70
C ARG A 122 3.42 0.69 -27.22
N ASP A 123 4.35 0.60 -28.17
CA ASP A 123 4.68 -0.73 -28.69
C ASP A 123 5.64 -1.51 -27.77
N GLN A 124 6.07 -0.94 -26.64
CA GLN A 124 6.90 -1.66 -25.68
C GLN A 124 6.11 -2.30 -24.55
N TYR A 125 4.78 -2.21 -24.56
CA TYR A 125 3.98 -2.97 -23.63
C TYR A 125 2.73 -3.51 -24.32
N VAL A 126 2.05 -4.37 -23.58
CA VAL A 126 0.97 -5.20 -24.06
C VAL A 126 -0.24 -4.89 -23.19
N VAL A 127 -1.38 -4.57 -23.80
CA VAL A 127 -2.61 -4.26 -23.06
C VAL A 127 -3.68 -5.27 -23.45
N SER A 128 -4.28 -5.89 -22.43
CA SER A 128 -5.42 -6.79 -22.57
C SER A 128 -6.65 -6.13 -21.94
N THR A 129 -7.77 -6.11 -22.67
CA THR A 129 -9.06 -5.87 -22.01
C THR A 129 -10.03 -6.93 -22.52
N LYS A 130 -11.29 -6.82 -22.12
CA LYS A 130 -12.26 -7.88 -22.34
C LYS A 130 -13.55 -7.29 -22.87
N CYS A 131 -14.43 -8.16 -23.36
CA CYS A 131 -15.77 -7.79 -23.80
C CYS A 131 -16.75 -8.88 -23.38
N GLY A 132 -18.02 -8.49 -23.27
CA GLY A 132 -19.09 -9.42 -23.02
C GLY A 132 -19.59 -9.46 -21.59
N ARG A 133 -18.77 -9.07 -20.62
CA ARG A 133 -19.20 -9.03 -19.23
C ARG A 133 -19.17 -7.59 -18.73
N TYR A 134 -20.32 -7.11 -18.21
CA TYR A 134 -20.50 -5.72 -17.81
C TYR A 134 -21.18 -5.67 -16.46
N LYS A 135 -21.14 -4.50 -15.83
CA LYS A 135 -21.88 -4.36 -14.58
C LYS A 135 -23.35 -4.65 -14.77
N GLU A 136 -23.88 -4.46 -15.99
CA GLU A 136 -25.29 -4.74 -16.24
C GLU A 136 -25.51 -6.20 -16.57
N GLY A 137 -24.45 -6.99 -16.76
CA GLY A 137 -24.62 -8.40 -17.03
C GLY A 137 -23.82 -8.85 -18.23
N PHE A 138 -24.34 -9.83 -18.96
CA PHE A 138 -23.61 -10.43 -20.07
C PHE A 138 -24.28 -10.16 -21.40
N ASP A 139 -23.46 -9.99 -22.43
CA ASP A 139 -23.96 -9.81 -23.80
C ASP A 139 -22.80 -10.11 -24.74
N PHE A 140 -22.83 -11.30 -25.35
CA PHE A 140 -21.75 -11.71 -26.23
C PHE A 140 -22.10 -11.51 -27.71
N SER A 141 -23.13 -10.71 -28.02
CA SER A 141 -23.58 -10.54 -29.39
C SER A 141 -22.52 -9.80 -30.21
N ALA A 142 -22.55 -10.02 -31.53
CA ALA A 142 -21.62 -9.34 -32.42
C ALA A 142 -21.77 -7.82 -32.32
N GLU A 143 -23.01 -7.32 -32.27
CA GLU A 143 -23.26 -5.89 -32.12
C GLU A 143 -22.60 -5.34 -30.86
N ARG A 144 -22.73 -6.06 -29.74
CA ARG A 144 -22.24 -5.51 -28.48
C ARG A 144 -20.72 -5.51 -28.42
N VAL A 145 -20.06 -6.61 -28.83
CA VAL A 145 -18.61 -6.63 -28.71
C VAL A 145 -17.99 -5.66 -29.70
N THR A 146 -18.64 -5.44 -30.84
CA THR A 146 -18.17 -4.45 -31.80
C THR A 146 -18.22 -3.04 -31.20
N ARG A 147 -19.34 -2.69 -30.56
CA ARG A 147 -19.41 -1.42 -29.84
C ARG A 147 -18.43 -1.39 -28.66
N SER A 148 -18.21 -2.53 -28.03
CA SER A 148 -17.48 -2.56 -26.76
C SER A 148 -16.03 -2.12 -26.95
N ILE A 149 -15.39 -2.52 -28.06
CA ILE A 149 -13.98 -2.14 -28.20
C ILE A 149 -13.84 -0.63 -28.34
N ASP A 150 -14.81 0.05 -28.98
CA ASP A 150 -14.76 1.51 -29.07
C ASP A 150 -14.97 2.18 -27.70
N GLU A 151 -15.84 1.60 -26.88
CA GLU A 151 -16.03 2.10 -25.52
C GLU A 151 -14.76 1.92 -24.69
N SER A 152 -14.16 0.73 -24.76
CA SER A 152 -12.92 0.45 -24.05
C SER A 152 -11.79 1.36 -24.50
N LEU A 153 -11.61 1.51 -25.82
CA LEU A 153 -10.50 2.31 -26.33
C LEU A 153 -10.64 3.78 -25.91
N GLU A 154 -11.86 4.29 -25.84
CA GLU A 154 -12.05 5.65 -25.35
C GLU A 154 -11.66 5.77 -23.88
N ARG A 155 -12.13 4.84 -23.04
CA ARG A 155 -11.77 4.89 -21.63
C ARG A 155 -10.27 4.72 -21.42
N LEU A 156 -9.64 3.77 -22.15
CA LEU A 156 -8.21 3.52 -22.01
C LEU A 156 -7.33 4.59 -22.67
N GLN A 157 -7.91 5.51 -23.45
CA GLN A 157 -7.14 6.46 -24.24
C GLN A 157 -6.06 5.76 -25.08
N LEU A 158 -6.44 4.66 -25.72
CA LEU A 158 -5.55 3.90 -26.58
C LEU A 158 -6.10 3.89 -28.00
N ASP A 159 -5.23 3.65 -28.96
CA ASP A 159 -5.67 3.45 -30.34
C ASP A 159 -5.95 1.98 -30.67
N TYR A 160 -5.45 1.06 -29.84
CA TYR A 160 -5.65 -0.37 -30.03
C TYR A 160 -5.34 -1.05 -28.70
N VAL A 161 -5.89 -2.25 -28.52
CA VAL A 161 -5.47 -3.17 -27.48
C VAL A 161 -4.78 -4.34 -28.18
N ASP A 162 -3.72 -4.85 -27.56
CA ASP A 162 -3.04 -6.02 -28.12
C ASP A 162 -3.95 -7.23 -28.08
N ILE A 163 -4.71 -7.39 -27.00
CA ILE A 163 -5.57 -8.56 -26.80
C ILE A 163 -6.95 -8.11 -26.37
N LEU A 164 -7.97 -8.62 -27.03
CA LEU A 164 -9.34 -8.46 -26.58
C LEU A 164 -9.90 -9.85 -26.31
N GLN A 165 -10.38 -10.09 -25.09
CA GLN A 165 -10.77 -11.44 -24.65
C GLN A 165 -12.26 -11.49 -24.31
N CYS A 166 -12.93 -12.57 -24.71
CA CYS A 166 -14.31 -12.80 -24.26
C CYS A 166 -14.30 -13.19 -22.79
N HIS A 167 -15.00 -12.40 -21.95
CA HIS A 167 -14.87 -12.46 -20.50
C HIS A 167 -15.88 -13.44 -19.90
N ASP A 168 -15.37 -14.53 -19.29
CA ASP A 168 -16.19 -15.50 -18.53
C ASP A 168 -17.26 -16.14 -19.41
N ILE A 169 -16.80 -16.80 -20.47
CA ILE A 169 -17.71 -17.37 -21.47
C ILE A 169 -18.59 -18.49 -20.92
N GLU A 170 -18.26 -19.09 -19.77
CA GLU A 170 -19.17 -20.09 -19.22
C GLU A 170 -20.54 -19.51 -18.85
N PHE A 171 -20.68 -18.19 -18.81
CA PHE A 171 -21.97 -17.54 -18.60
C PHE A 171 -22.74 -17.32 -19.89
N GLY A 172 -22.14 -17.60 -21.04
CA GLY A 172 -22.81 -17.48 -22.31
C GLY A 172 -23.12 -18.86 -22.88
N SER A 173 -23.76 -18.84 -24.04
CA SER A 173 -23.86 -20.02 -24.88
C SER A 173 -22.54 -20.21 -25.61
N LEU A 174 -21.88 -21.35 -25.37
CA LEU A 174 -20.58 -21.54 -26.00
C LEU A 174 -20.70 -21.63 -27.51
N ASP A 175 -21.86 -22.05 -28.01
CA ASP A 175 -22.06 -22.10 -29.46
C ASP A 175 -22.19 -20.70 -30.05
N GLN A 176 -22.79 -19.77 -29.30
CA GLN A 176 -22.78 -18.37 -29.74
C GLN A 176 -21.37 -17.82 -29.74
N ILE A 177 -20.56 -18.14 -28.73
CA ILE A 177 -19.17 -17.69 -28.71
C ILE A 177 -18.45 -18.13 -29.99
N VAL A 178 -18.63 -19.41 -30.35
CA VAL A 178 -17.95 -20.00 -31.51
C VAL A 178 -18.47 -19.40 -32.82
N ASN A 179 -19.80 -19.29 -32.96
CA ASN A 179 -20.37 -18.98 -34.26
C ASN A 179 -20.62 -17.49 -34.49
N GLU A 180 -20.66 -16.69 -33.44
CA GLU A 180 -20.99 -15.28 -33.55
C GLU A 180 -19.89 -14.41 -32.96
N THR A 181 -19.56 -14.67 -31.70
CA THR A 181 -18.70 -13.75 -30.97
C THR A 181 -17.28 -13.73 -31.55
N ILE A 182 -16.70 -14.91 -31.75
CA ILE A 182 -15.32 -14.96 -32.22
C ILE A 182 -15.23 -14.47 -33.67
N PRO A 183 -16.18 -14.78 -34.57
CA PRO A 183 -16.13 -14.17 -35.91
C PRO A 183 -16.26 -12.65 -35.89
N ALA A 184 -16.96 -12.07 -34.90
CA ALA A 184 -17.03 -10.63 -34.76
C ALA A 184 -15.67 -10.05 -34.37
N LEU A 185 -14.97 -10.70 -33.42
CA LEU A 185 -13.64 -10.20 -33.04
C LEU A 185 -12.63 -10.32 -34.18
N LEU A 186 -12.78 -11.34 -35.05
CA LEU A 186 -11.90 -11.48 -36.20
C LEU A 186 -12.05 -10.29 -37.13
N LYS A 187 -13.28 -9.79 -37.29
CA LYS A 187 -13.47 -8.57 -38.08
C LYS A 187 -12.87 -7.36 -37.37
N LEU A 188 -12.95 -7.30 -36.05
CA LEU A 188 -12.29 -6.21 -35.33
C LEU A 188 -10.78 -6.25 -35.57
N LYS A 189 -10.21 -7.46 -35.64
CA LYS A 189 -8.79 -7.61 -35.92
C LYS A 189 -8.41 -7.00 -37.26
N GLN A 190 -9.33 -7.04 -38.24
CA GLN A 190 -9.04 -6.41 -39.54
C GLN A 190 -9.02 -4.89 -39.44
N THR A 191 -9.77 -4.30 -38.50
CA THR A 191 -9.73 -2.85 -38.33
C THR A 191 -8.45 -2.36 -37.67
N GLY A 192 -7.66 -3.28 -37.09
CA GLY A 192 -6.49 -2.88 -36.33
C GLY A 192 -6.75 -2.44 -34.90
N LYS A 193 -8.01 -2.36 -34.47
CA LYS A 193 -8.31 -1.92 -33.11
C LYS A 193 -7.93 -2.95 -32.07
N ILE A 194 -7.83 -4.22 -32.47
CA ILE A 194 -7.26 -5.28 -31.64
C ILE A 194 -6.29 -6.05 -32.51
N ARG A 195 -5.35 -6.75 -31.86
CA ARG A 195 -4.38 -7.54 -32.59
C ARG A 195 -4.48 -9.04 -32.34
N PHE A 196 -5.00 -9.47 -31.19
CA PHE A 196 -5.08 -10.88 -30.87
C PHE A 196 -6.36 -11.12 -30.06
N ILE A 197 -6.86 -12.35 -30.12
CA ILE A 197 -8.16 -12.71 -29.60
C ILE A 197 -8.01 -13.72 -28.48
N GLY A 198 -8.74 -13.53 -27.38
CA GLY A 198 -8.68 -14.44 -26.26
C GLY A 198 -10.07 -14.85 -25.80
N ILE A 199 -10.09 -15.89 -24.96
CA ILE A 199 -11.27 -16.32 -24.21
C ILE A 199 -10.82 -16.58 -22.77
N THR A 200 -11.74 -16.34 -21.83
CA THR A 200 -11.45 -16.47 -20.41
C THR A 200 -12.63 -17.11 -19.69
N GLY A 201 -12.36 -17.65 -18.52
CA GLY A 201 -13.36 -18.24 -17.67
C GLY A 201 -12.71 -19.24 -16.74
N LEU A 202 -13.55 -19.82 -15.86
CA LEU A 202 -13.04 -20.72 -14.81
C LEU A 202 -12.96 -22.19 -15.27
N PRO A 203 -14.07 -22.85 -15.67
CA PRO A 203 -13.97 -24.29 -15.98
C PRO A 203 -13.04 -24.50 -17.16
N LEU A 204 -12.05 -25.39 -16.99
CA LEU A 204 -11.09 -25.63 -18.06
C LEU A 204 -11.77 -26.18 -19.33
N GLY A 205 -12.90 -26.88 -19.18
CA GLY A 205 -13.61 -27.42 -20.33
C GLY A 205 -14.12 -26.38 -21.33
N ILE A 206 -14.30 -25.11 -20.92
CA ILE A 206 -14.72 -24.11 -21.90
C ILE A 206 -13.66 -23.94 -22.98
N PHE A 207 -12.39 -24.17 -22.63
CA PHE A 207 -11.30 -23.94 -23.57
C PHE A 207 -11.20 -25.06 -24.61
N THR A 208 -11.38 -26.31 -24.20
CA THR A 208 -11.40 -27.38 -25.19
C THR A 208 -12.69 -27.32 -26.01
N TYR A 209 -13.82 -26.98 -25.39
CA TYR A 209 -15.05 -26.86 -26.15
C TYR A 209 -14.89 -25.87 -27.30
N VAL A 210 -14.46 -24.65 -27.00
CA VAL A 210 -14.34 -23.61 -28.02
C VAL A 210 -13.23 -23.94 -29.01
N LEU A 211 -12.03 -24.24 -28.51
CA LEU A 211 -10.89 -24.41 -29.41
C LEU A 211 -11.02 -25.63 -30.32
N ASP A 212 -11.77 -26.66 -29.90
CA ASP A 212 -12.06 -27.79 -30.79
C ASP A 212 -12.95 -27.42 -31.98
N ARG A 213 -13.67 -26.31 -31.91
CA ARG A 213 -14.74 -26.03 -32.86
C ARG A 213 -14.53 -24.81 -33.73
N VAL A 214 -13.60 -23.93 -33.40
CA VAL A 214 -13.34 -22.75 -34.24
C VAL A 214 -12.43 -23.16 -35.40
N PRO A 215 -12.46 -22.43 -36.51
CA PRO A 215 -11.42 -22.60 -37.54
C PRO A 215 -10.05 -22.34 -36.93
N PRO A 216 -9.06 -23.17 -37.25
CA PRO A 216 -7.73 -23.03 -36.63
C PRO A 216 -7.18 -21.62 -36.78
N GLY A 217 -6.53 -21.13 -35.73
CA GLY A 217 -6.00 -19.78 -35.70
C GLY A 217 -6.96 -18.71 -35.23
N SER A 218 -8.22 -19.05 -34.98
CA SER A 218 -9.20 -18.02 -34.60
C SER A 218 -8.87 -17.38 -33.26
N VAL A 219 -8.40 -18.17 -32.31
CA VAL A 219 -8.18 -17.70 -30.94
C VAL A 219 -6.69 -17.78 -30.65
N ASP A 220 -6.12 -16.65 -30.20
CA ASP A 220 -4.67 -16.54 -30.01
C ASP A 220 -4.22 -16.87 -28.62
N VAL A 221 -5.09 -16.68 -27.63
CA VAL A 221 -4.67 -16.63 -26.24
C VAL A 221 -5.82 -17.10 -25.38
N VAL A 222 -5.48 -17.67 -24.23
CA VAL A 222 -6.44 -18.14 -23.24
C VAL A 222 -6.06 -17.53 -21.90
N LEU A 223 -7.05 -17.06 -21.15
CA LEU A 223 -6.86 -16.55 -19.79
C LEU A 223 -7.62 -17.46 -18.82
N SER A 224 -6.87 -18.26 -18.09
CA SER A 224 -7.36 -19.13 -17.03
C SER A 224 -7.10 -18.50 -15.67
N TYR A 225 -7.90 -18.87 -14.68
CA TYR A 225 -7.64 -18.41 -13.32
C TYR A 225 -8.07 -19.48 -12.32
N CYS A 226 -7.42 -19.47 -11.15
CA CYS A 226 -7.63 -20.39 -10.04
C CYS A 226 -7.22 -21.83 -10.33
N HIS A 227 -6.50 -22.09 -11.42
CA HIS A 227 -6.05 -23.45 -11.69
C HIS A 227 -4.54 -23.56 -11.84
N PHE A 228 -3.79 -22.57 -11.40
CA PHE A 228 -2.36 -22.80 -11.24
C PHE A 228 -1.84 -22.11 -9.99
N SER A 229 -2.14 -22.74 -8.86
CA SER A 229 -1.67 -22.32 -7.54
C SER A 229 -1.38 -23.60 -6.78
N ILE A 230 -0.80 -23.46 -5.58
CA ILE A 230 -0.37 -24.65 -4.85
C ILE A 230 -1.54 -25.60 -4.63
N ASN A 231 -2.74 -25.06 -4.41
CA ASN A 231 -3.90 -25.90 -4.10
C ASN A 231 -4.47 -26.57 -5.35
N ASP A 232 -4.24 -26.02 -6.54
CA ASP A 232 -4.92 -26.49 -7.76
C ASP A 232 -4.02 -26.16 -8.94
N ASN A 233 -3.44 -27.19 -9.57
CA ASN A 233 -2.54 -26.96 -10.69
C ASN A 233 -3.05 -27.65 -11.95
N THR A 234 -4.37 -27.82 -12.08
CA THR A 234 -4.92 -28.57 -13.21
C THR A 234 -4.71 -27.87 -14.54
N LEU A 235 -4.36 -26.57 -14.52
CA LEU A 235 -4.05 -25.92 -15.79
C LEU A 235 -2.89 -26.63 -16.49
N GLU A 236 -2.03 -27.32 -15.74
CA GLU A 236 -1.00 -28.19 -16.33
C GLU A 236 -1.59 -29.14 -17.37
N ASP A 237 -2.77 -29.71 -17.07
CA ASP A 237 -3.40 -30.65 -17.99
C ASP A 237 -3.68 -30.00 -19.34
N LEU A 238 -3.96 -28.71 -19.35
CA LEU A 238 -4.41 -28.07 -20.58
C LEU A 238 -3.26 -27.59 -21.44
N LEU A 239 -2.07 -27.42 -20.86
CA LEU A 239 -0.91 -26.91 -21.59
C LEU A 239 -0.58 -27.71 -22.84
N PRO A 240 -0.48 -29.05 -22.83
CA PRO A 240 -0.20 -29.75 -24.10
C PRO A 240 -1.26 -29.52 -25.16
N TYR A 241 -2.54 -29.49 -24.77
CA TYR A 241 -3.60 -29.16 -25.72
C TYR A 241 -3.40 -27.78 -26.34
N LEU A 242 -3.09 -26.77 -25.51
CA LEU A 242 -2.96 -25.40 -26.01
C LEU A 242 -1.69 -25.24 -26.84
N LYS A 243 -0.59 -25.86 -26.41
CA LYS A 243 0.65 -25.78 -27.18
C LYS A 243 0.50 -26.47 -28.53
N SER A 244 -0.26 -27.57 -28.58
CA SER A 244 -0.45 -28.24 -29.87
C SER A 244 -1.10 -27.31 -30.88
N LYS A 245 -1.87 -26.33 -30.41
CA LYS A 245 -2.51 -25.36 -31.27
C LYS A 245 -1.72 -24.05 -31.43
N GLY A 246 -0.65 -23.86 -30.67
CA GLY A 246 0.07 -22.60 -30.71
C GLY A 246 -0.61 -21.47 -29.95
N VAL A 247 -1.56 -21.79 -29.07
CA VAL A 247 -2.34 -20.80 -28.34
C VAL A 247 -1.57 -20.38 -27.11
N GLY A 248 -1.44 -19.05 -26.90
CA GLY A 248 -0.83 -18.53 -25.70
C GLY A 248 -1.65 -18.79 -24.45
N ILE A 249 -0.95 -18.81 -23.30
CA ILE A 249 -1.56 -19.18 -22.03
C ILE A 249 -1.22 -18.13 -20.99
N ILE A 250 -2.23 -17.55 -20.37
CA ILE A 250 -2.11 -16.62 -19.26
C ILE A 250 -2.90 -17.18 -18.08
N SER A 251 -2.35 -17.04 -16.88
CA SER A 251 -3.05 -17.48 -15.68
C SER A 251 -3.23 -16.29 -14.74
N ALA A 252 -4.07 -16.50 -13.72
CA ALA A 252 -4.42 -15.45 -12.78
C ALA A 252 -4.85 -16.09 -11.46
N SER A 253 -5.12 -15.24 -10.47
CA SER A 253 -5.45 -15.65 -9.11
C SER A 253 -4.43 -16.63 -8.54
N PRO A 254 -3.15 -16.25 -8.47
CA PRO A 254 -2.15 -17.17 -7.92
C PRO A 254 -2.40 -17.48 -6.47
N LEU A 255 -3.19 -16.67 -5.77
CA LEU A 255 -3.56 -16.94 -4.40
C LEU A 255 -4.94 -17.57 -4.27
N ALA A 256 -5.55 -17.97 -5.38
CA ALA A 256 -6.89 -18.57 -5.39
C ALA A 256 -7.91 -17.64 -4.72
N MET A 257 -7.85 -16.36 -5.11
CA MET A 257 -8.79 -15.32 -4.66
C MET A 257 -8.77 -15.17 -3.14
N GLY A 258 -7.59 -15.31 -2.53
CA GLY A 258 -7.42 -15.08 -1.12
C GLY A 258 -7.37 -16.30 -0.24
N LEU A 259 -7.57 -17.51 -0.78
CA LEU A 259 -7.39 -18.70 0.05
C LEU A 259 -5.95 -18.81 0.57
N LEU A 260 -4.97 -18.44 -0.25
CA LEU A 260 -3.57 -18.63 0.10
C LEU A 260 -3.00 -17.32 0.66
N THR A 261 -3.58 -16.91 1.79
CA THR A 261 -3.23 -15.68 2.49
C THR A 261 -3.40 -15.93 3.99
N GLU A 262 -2.66 -15.16 4.79
CA GLU A 262 -2.79 -15.29 6.23
C GLU A 262 -4.16 -14.83 6.71
N GLY A 263 -4.71 -13.78 6.09
CA GLY A 263 -6.01 -13.28 6.51
C GLY A 263 -7.18 -14.14 6.06
N GLY A 264 -6.97 -14.98 5.04
CA GLY A 264 -8.01 -15.87 4.59
C GLY A 264 -8.87 -15.32 3.46
N PRO A 265 -9.81 -16.13 2.97
CA PRO A 265 -10.63 -15.73 1.82
C PRO A 265 -11.69 -14.72 2.21
N PRO A 266 -12.14 -13.90 1.27
CA PRO A 266 -13.26 -13.01 1.53
C PRO A 266 -14.55 -13.80 1.76
N GLU A 267 -15.53 -13.10 2.31
CA GLU A 267 -16.79 -13.71 2.72
C GLU A 267 -17.58 -14.29 1.54
N TRP A 268 -17.38 -13.77 0.34
CA TRP A 268 -18.13 -14.24 -0.83
C TRP A 268 -17.48 -15.43 -1.53
N HIS A 269 -16.38 -15.96 -1.00
CA HIS A 269 -15.59 -16.93 -1.75
C HIS A 269 -16.40 -18.21 -1.98
N PRO A 270 -16.42 -18.74 -3.21
CA PRO A 270 -17.26 -19.90 -3.52
C PRO A 270 -16.65 -21.26 -3.20
N ALA A 271 -15.44 -21.32 -2.65
CA ALA A 271 -14.77 -22.61 -2.45
C ALA A 271 -15.57 -23.48 -1.47
N PRO A 272 -15.51 -24.80 -1.63
CA PRO A 272 -16.20 -25.68 -0.67
C PRO A 272 -15.51 -25.68 0.67
N PRO A 273 -16.21 -26.03 1.76
CA PRO A 273 -15.59 -26.01 3.09
C PRO A 273 -14.31 -26.83 3.21
N GLU A 274 -14.20 -27.92 2.45
CA GLU A 274 -13.02 -28.77 2.57
C GLU A 274 -11.78 -28.06 2.07
N LEU A 275 -11.90 -27.28 0.99
CA LEU A 275 -10.78 -26.52 0.50
C LEU A 275 -10.48 -25.34 1.42
N LYS A 276 -11.52 -24.66 1.92
CA LYS A 276 -11.31 -23.56 2.83
C LYS A 276 -10.60 -24.03 4.10
N SER A 277 -10.97 -25.20 4.61
CA SER A 277 -10.35 -25.74 5.82
C SER A 277 -8.88 -26.09 5.60
N ALA A 278 -8.55 -26.71 4.46
CA ALA A 278 -7.17 -27.05 4.16
C ALA A 278 -6.31 -25.80 4.03
N CYS A 279 -6.79 -24.80 3.29
CA CYS A 279 -6.03 -23.58 3.09
C CYS A 279 -5.85 -22.82 4.39
N GLN A 280 -6.90 -22.76 5.22
CA GLN A 280 -6.76 -22.11 6.51
C GLN A 280 -5.66 -22.78 7.35
N ASP A 281 -5.61 -24.12 7.31
CA ASP A 281 -4.58 -24.85 8.04
C ASP A 281 -3.19 -24.59 7.47
N ALA A 282 -3.05 -24.49 6.15
CA ALA A 282 -1.75 -24.20 5.56
C ALA A 282 -1.28 -22.81 5.96
N ALA A 283 -2.14 -21.79 5.80
CA ALA A 283 -1.75 -20.42 6.15
C ALA A 283 -1.32 -20.32 7.60
N ALA A 284 -2.05 -20.97 8.51
CA ALA A 284 -1.68 -20.89 9.92
C ALA A 284 -0.39 -21.67 10.20
N PHE A 285 -0.11 -22.71 9.42
CA PHE A 285 1.18 -23.38 9.56
C PHE A 285 2.32 -22.44 9.22
N CYS A 286 2.21 -21.74 8.08
CA CYS A 286 3.24 -20.77 7.70
C CYS A 286 3.37 -19.66 8.75
N GLN A 287 2.23 -19.17 9.27
CA GLN A 287 2.26 -18.03 10.19
C GLN A 287 3.08 -18.33 11.44
N LYS A 288 3.03 -19.58 11.92
CA LYS A 288 3.84 -19.96 13.08
C LYS A 288 5.30 -20.21 12.73
N LYS A 289 5.61 -20.41 11.46
CA LYS A 289 7.00 -20.55 11.03
C LYS A 289 7.58 -19.23 10.53
N GLY A 290 6.85 -18.13 10.64
CA GLY A 290 7.38 -16.84 10.23
C GLY A 290 7.45 -16.65 8.74
N LYS A 291 6.69 -17.43 7.98
CA LYS A 291 6.72 -17.42 6.53
C LYS A 291 5.38 -16.91 5.99
N ASN A 292 5.47 -16.20 4.87
CA ASN A 292 4.31 -15.61 4.22
C ASN A 292 3.82 -16.61 3.18
N ILE A 293 2.69 -17.26 3.45
CA ILE A 293 2.22 -18.26 2.50
C ILE A 293 1.97 -17.63 1.14
N SER A 294 1.65 -16.33 1.10
CA SER A 294 1.32 -15.68 -0.17
C SER A 294 2.55 -15.56 -1.07
N LYS A 295 3.72 -15.31 -0.48
CA LYS A 295 4.93 -15.25 -1.28
C LYS A 295 5.27 -16.62 -1.85
N LEU A 296 5.17 -17.67 -1.02
CA LEU A 296 5.36 -19.04 -1.50
C LEU A 296 4.38 -19.37 -2.62
N ALA A 297 3.09 -19.07 -2.42
CA ALA A 297 2.10 -19.35 -3.46
C ALA A 297 2.42 -18.59 -4.75
N MET A 298 2.76 -17.30 -4.64
CA MET A 298 3.11 -16.53 -5.83
C MET A 298 4.32 -17.13 -6.55
N GLN A 299 5.33 -17.56 -5.79
CA GLN A 299 6.50 -18.17 -6.41
C GLN A 299 6.13 -19.48 -7.10
N TYR A 300 5.35 -20.32 -6.41
CA TYR A 300 4.87 -21.54 -7.05
C TYR A 300 4.18 -21.25 -8.37
N SER A 301 3.40 -20.18 -8.44
CA SER A 301 2.64 -19.88 -9.65
C SER A 301 3.55 -19.61 -10.83
N LEU A 302 4.81 -19.26 -10.56
CA LEU A 302 5.75 -18.86 -11.59
C LEU A 302 6.67 -19.98 -12.05
N THR A 303 6.48 -21.21 -11.56
CA THR A 303 7.47 -22.27 -11.81
C THR A 303 7.26 -23.05 -13.10
N ASN A 304 6.25 -22.72 -13.91
CA ASN A 304 6.04 -23.42 -15.17
C ASN A 304 6.11 -22.40 -16.29
N LYS A 305 7.23 -22.33 -16.97
CA LYS A 305 7.40 -21.31 -17.99
C LYS A 305 6.52 -21.51 -19.23
N ASP A 306 5.69 -22.56 -19.31
CA ASP A 306 4.69 -22.62 -20.38
C ASP A 306 3.53 -21.65 -20.15
N ILE A 307 3.33 -21.18 -18.94
CA ILE A 307 2.40 -20.07 -18.67
C ILE A 307 3.19 -18.79 -18.87
N SER A 308 2.79 -18.00 -19.87
CA SER A 308 3.59 -16.82 -20.22
C SER A 308 3.54 -15.75 -19.14
N SER A 309 2.44 -15.64 -18.42
CA SER A 309 2.33 -14.61 -17.41
C SER A 309 1.29 -15.02 -16.38
N VAL A 310 1.55 -14.66 -15.13
CA VAL A 310 0.59 -14.79 -14.06
C VAL A 310 0.17 -13.38 -13.68
N LEU A 311 -1.09 -13.04 -13.98
CA LEU A 311 -1.64 -11.75 -13.63
C LEU A 311 -1.92 -11.69 -12.15
N VAL A 312 -1.55 -10.59 -11.49
CA VAL A 312 -1.89 -10.36 -10.09
C VAL A 312 -2.51 -8.98 -9.94
N GLY A 313 -3.63 -8.92 -9.22
CA GLY A 313 -4.31 -7.65 -9.01
C GLY A 313 -3.46 -6.75 -8.14
N MET A 314 -3.15 -5.54 -8.62
CA MET A 314 -2.27 -4.63 -7.92
C MET A 314 -2.84 -3.23 -7.90
N ASN A 315 -2.70 -2.54 -6.77
CA ASN A 315 -3.14 -1.15 -6.70
C ASN A 315 -2.22 -0.29 -5.83
N SER A 316 -1.00 -0.74 -5.57
CA SER A 316 -0.04 0.09 -4.88
C SER A 316 1.35 -0.25 -5.37
N VAL A 317 2.27 0.71 -5.19
CA VAL A 317 3.68 0.49 -5.46
C VAL A 317 4.21 -0.68 -4.63
N LYS A 318 3.80 -0.73 -3.36
CA LYS A 318 4.23 -1.81 -2.46
C LYS A 318 3.88 -3.19 -3.01
N GLN A 319 2.63 -3.37 -3.46
CA GLN A 319 2.21 -4.65 -4.01
C GLN A 319 2.98 -4.99 -5.27
N VAL A 320 3.22 -4.01 -6.13
CA VAL A 320 4.08 -4.23 -7.30
C VAL A 320 5.45 -4.74 -6.86
N GLY A 321 6.12 -4.01 -5.95
CA GLY A 321 7.46 -4.40 -5.52
C GLY A 321 7.50 -5.78 -4.89
N GLU A 322 6.54 -6.06 -4.00
CA GLU A 322 6.45 -7.37 -3.35
C GLU A 322 6.33 -8.50 -4.37
N ASN A 323 5.49 -8.32 -5.39
CA ASN A 323 5.30 -9.41 -6.34
C ASN A 323 6.50 -9.57 -7.26
N VAL A 324 7.04 -8.47 -7.78
CA VAL A 324 8.27 -8.57 -8.58
C VAL A 324 9.43 -9.14 -7.75
N ALA A 325 9.51 -8.82 -6.46
CA ALA A 325 10.62 -9.33 -5.66
C ALA A 325 10.51 -10.84 -5.45
N ALA A 326 9.27 -11.33 -5.29
CA ALA A 326 9.06 -12.77 -5.23
C ALA A 326 9.58 -13.44 -6.49
N ALA A 327 9.30 -12.85 -7.64
CA ALA A 327 9.68 -13.46 -8.91
C ALA A 327 11.20 -13.50 -9.07
N ILE A 328 11.86 -12.39 -8.78
CA ILE A 328 13.31 -12.32 -8.90
C ILE A 328 13.98 -13.29 -7.92
N GLU A 329 13.51 -13.31 -6.66
CA GLU A 329 14.03 -14.26 -5.69
C GLU A 329 13.91 -15.70 -6.19
N LEU A 330 12.76 -16.06 -6.76
CA LEU A 330 12.60 -17.40 -7.33
C LEU A 330 13.70 -17.72 -8.33
N VAL A 331 14.08 -16.75 -9.14
CA VAL A 331 15.05 -17.00 -10.19
C VAL A 331 16.48 -16.99 -9.64
N SER A 332 16.77 -16.18 -8.61
CA SER A 332 18.15 -16.09 -8.17
C SER A 332 18.48 -17.00 -6.99
N ALA A 333 17.49 -17.41 -6.21
CA ALA A 333 17.72 -18.28 -5.07
C ALA A 333 16.93 -19.57 -5.11
N GLY A 334 15.94 -19.68 -5.98
CA GLY A 334 15.09 -20.85 -5.95
C GLY A 334 14.01 -20.74 -4.90
N MET A 335 13.27 -21.82 -4.74
CA MET A 335 12.10 -21.83 -3.89
C MET A 335 12.38 -22.67 -2.66
N ASP A 336 11.79 -22.27 -1.53
CA ASP A 336 11.87 -23.04 -0.30
C ASP A 336 11.15 -24.37 -0.53
N GLN A 337 11.93 -25.41 -0.86
CA GLN A 337 11.36 -26.71 -1.21
C GLN A 337 10.77 -27.40 0.02
N GLU A 338 11.44 -27.28 1.16
CA GLU A 338 10.89 -27.90 2.37
C GLU A 338 9.54 -27.28 2.72
N MET A 339 9.44 -25.95 2.65
CA MET A 339 8.19 -25.27 2.95
C MET A 339 7.11 -25.66 1.95
N LEU A 340 7.44 -25.63 0.65
CA LEU A 340 6.51 -26.04 -0.39
C LEU A 340 5.97 -27.44 -0.13
N SER A 341 6.85 -28.36 0.27
CA SER A 341 6.43 -29.74 0.52
C SER A 341 5.44 -29.81 1.69
N GLU A 342 5.76 -29.12 2.81
CA GLU A 342 4.86 -29.16 3.95
C GLU A 342 3.49 -28.58 3.59
N VAL A 343 3.47 -27.46 2.89
CA VAL A 343 2.22 -26.81 2.54
C VAL A 343 1.40 -27.70 1.61
N GLU A 344 2.05 -28.39 0.67
CA GLU A 344 1.34 -29.28 -0.22
C GLU A 344 0.75 -30.47 0.53
N ALA A 345 1.46 -31.00 1.53
CA ALA A 345 0.89 -32.07 2.33
C ALA A 345 -0.35 -31.60 3.08
N ILE A 346 -0.28 -30.42 3.70
CA ILE A 346 -1.44 -29.89 4.45
C ILE A 346 -2.62 -29.65 3.51
N LEU A 347 -2.35 -29.12 2.31
CA LEU A 347 -3.41 -28.84 1.34
C LEU A 347 -3.98 -30.09 0.64
N LYS A 348 -3.44 -31.28 0.90
CA LYS A 348 -3.92 -32.47 0.19
C LYS A 348 -5.43 -32.72 0.27
N PRO A 349 -6.12 -32.50 1.41
CA PRO A 349 -7.58 -32.70 1.40
C PRO A 349 -8.35 -31.76 0.48
N GLY A 350 -7.72 -30.68 -0.02
CA GLY A 350 -8.43 -29.75 -0.88
C GLY A 350 -7.90 -29.73 -2.29
N LYS A 351 -6.94 -30.61 -2.59
CA LYS A 351 -6.20 -30.60 -3.85
C LYS A 351 -7.14 -30.70 -5.04
N ASN A 352 -7.09 -29.70 -5.94
CA ASN A 352 -7.82 -29.62 -7.19
C ASN A 352 -9.34 -29.54 -7.02
N LEU A 353 -9.85 -29.35 -5.80
CA LEU A 353 -11.26 -29.05 -5.62
C LEU A 353 -11.58 -27.70 -6.28
N THR A 354 -12.68 -27.65 -7.02
CA THR A 354 -13.11 -26.44 -7.69
C THR A 354 -14.57 -26.14 -7.26
N TRP A 355 -15.24 -25.26 -7.99
CA TRP A 355 -16.61 -24.89 -7.64
C TRP A 355 -17.37 -24.57 -8.92
N PRO A 356 -18.70 -24.54 -8.87
CA PRO A 356 -19.48 -24.23 -10.07
C PRO A 356 -19.33 -22.79 -10.54
N SER A 357 -19.37 -22.61 -11.86
CA SER A 357 -19.31 -21.30 -12.49
C SER A 357 -20.15 -21.33 -13.76
N GLY A 358 -20.87 -20.24 -14.03
CA GLY A 358 -21.59 -20.08 -15.28
C GLY A 358 -22.97 -20.73 -15.28
N ILE A 359 -23.48 -20.98 -16.49
CA ILE A 359 -24.81 -21.56 -16.68
C ILE A 359 -24.77 -23.00 -17.22
N LEU B 47 -4.14 22.27 1.77
CA LEU B 47 -3.75 21.75 3.07
C LEU B 47 -3.43 22.90 4.04
N GLU B 48 -4.04 22.88 5.22
CA GLU B 48 -3.96 24.01 6.14
C GLU B 48 -2.62 24.06 6.87
N LEU B 49 -2.04 25.24 6.94
CA LEU B 49 -0.84 25.52 7.72
C LEU B 49 -1.23 26.09 9.08
N ARG B 50 -0.45 25.73 10.11
CA ARG B 50 -0.74 26.17 11.45
C ARG B 50 0.52 26.76 12.08
N PRO B 51 0.39 27.85 12.86
CA PRO B 51 1.57 28.43 13.51
C PRO B 51 2.13 27.49 14.55
N LEU B 52 3.45 27.33 14.55
CA LEU B 52 4.12 26.42 15.46
C LEU B 52 4.64 27.23 16.63
N GLY B 53 3.92 27.19 17.75
CA GLY B 53 4.34 27.87 18.97
C GLY B 53 4.70 29.32 18.73
N SER B 54 5.84 29.74 19.27
CA SER B 54 6.38 31.07 19.09
C SER B 54 7.50 31.13 18.06
N THR B 55 7.70 30.04 17.30
CA THR B 55 8.82 29.95 16.38
C THR B 55 8.68 30.86 15.15
N GLY B 56 7.47 31.29 14.83
CA GLY B 56 7.26 31.95 13.56
C GLY B 56 7.11 31.02 12.39
N LEU B 57 7.14 29.71 12.61
CA LEU B 57 6.94 28.73 11.54
C LEU B 57 5.47 28.41 11.37
N LYS B 58 5.09 28.11 10.13
CA LYS B 58 3.77 27.62 9.77
C LYS B 58 3.96 26.24 9.16
N VAL B 59 3.45 25.21 9.84
CA VAL B 59 3.64 23.83 9.42
C VAL B 59 2.31 23.27 8.97
N SER B 60 2.37 22.44 7.91
CA SER B 60 1.17 21.77 7.42
C SER B 60 0.55 20.91 8.51
N CYS B 61 -0.78 20.94 8.60
CA CYS B 61 -1.45 20.29 9.72
C CYS B 61 -1.27 18.78 9.68
N VAL B 62 -0.94 18.21 8.53
CA VAL B 62 -0.45 16.85 8.41
C VAL B 62 1.05 16.93 8.14
N GLY B 63 1.84 16.24 8.95
CA GLY B 63 3.28 16.24 8.81
C GLY B 63 3.77 14.90 8.28
N PHE B 64 4.89 14.92 7.55
CA PHE B 64 5.49 13.72 7.00
C PHE B 64 6.40 13.10 8.06
N GLY B 65 6.00 11.96 8.61
CA GLY B 65 6.87 11.22 9.51
C GLY B 65 7.68 10.22 8.72
N ALA B 66 8.99 10.45 8.64
CA ALA B 66 9.87 9.71 7.74
C ALA B 66 10.48 8.47 8.40
N SER B 67 9.94 8.01 9.52
CA SER B 67 10.42 6.74 10.06
C SER B 67 10.26 5.57 9.09
N PRO B 68 9.13 5.40 8.37
CA PRO B 68 9.02 4.24 7.47
C PRO B 68 9.97 4.27 6.26
N LEU B 69 10.51 5.44 5.89
CA LEU B 69 11.47 5.46 4.78
C LEU B 69 12.72 4.64 5.09
N GLY B 70 12.98 4.33 6.35
CA GLY B 70 14.13 3.55 6.73
C GLY B 70 13.83 2.08 6.86
N SER B 77 12.77 0.89 0.15
CA SER B 77 12.90 1.15 -1.28
C SER B 77 13.08 2.65 -1.55
N GLU B 78 13.91 2.94 -2.55
CA GLU B 78 14.32 4.32 -2.86
C GLU B 78 13.34 5.04 -3.77
N ASP B 79 12.75 4.31 -4.74
CA ASP B 79 11.70 4.91 -5.57
C ASP B 79 10.53 5.38 -4.72
N GLU B 80 10.13 4.57 -3.73
CA GLU B 80 9.07 4.95 -2.80
C GLU B 80 9.47 6.13 -1.94
N ALA B 81 10.77 6.41 -1.80
CA ALA B 81 11.21 7.53 -0.97
C ALA B 81 11.10 8.85 -1.72
N VAL B 82 11.70 8.93 -2.91
CA VAL B 82 11.61 10.15 -3.71
C VAL B 82 10.16 10.42 -4.11
N ALA B 83 9.42 9.37 -4.47
CA ALA B 83 8.06 9.57 -4.97
C ALA B 83 7.15 10.06 -3.87
N SER B 84 7.27 9.49 -2.67
CA SER B 84 6.38 9.88 -1.58
C SER B 84 6.66 11.31 -1.12
N VAL B 85 7.92 11.72 -1.10
CA VAL B 85 8.23 13.10 -0.75
C VAL B 85 7.74 14.05 -1.83
N ARG B 86 7.91 13.67 -3.10
CA ARG B 86 7.37 14.48 -4.19
C ARG B 86 5.86 14.63 -4.07
N GLU B 87 5.18 13.54 -3.70
CA GLU B 87 3.74 13.60 -3.52
C GLU B 87 3.39 14.51 -2.34
N ALA B 88 4.17 14.43 -1.26
CA ALA B 88 3.92 15.27 -0.10
C ALA B 88 3.92 16.74 -0.48
N PHE B 89 4.95 17.18 -1.18
CA PHE B 89 5.03 18.57 -1.62
C PHE B 89 3.85 18.92 -2.51
N ARG B 90 3.53 18.04 -3.47
CA ARG B 90 2.46 18.32 -4.42
C ARG B 90 1.13 18.49 -3.72
N LEU B 91 0.92 17.81 -2.59
CA LEU B 91 -0.31 17.93 -1.81
C LEU B 91 -0.22 19.01 -0.74
N GLY B 92 0.93 19.64 -0.56
CA GLY B 92 1.06 20.78 0.31
C GLY B 92 1.62 20.51 1.69
N ILE B 93 2.25 19.37 1.91
CA ILE B 93 2.98 19.11 3.15
C ILE B 93 4.30 19.88 3.08
N ASN B 94 4.73 20.45 4.21
CA ASN B 94 5.95 21.25 4.22
C ASN B 94 6.81 20.93 5.44
N PHE B 95 6.49 19.86 6.16
CA PHE B 95 7.09 19.56 7.46
C PHE B 95 7.46 18.09 7.47
N PHE B 96 8.76 17.80 7.64
CA PHE B 96 9.30 16.43 7.59
C PHE B 96 10.09 16.16 8.86
N ASP B 97 9.80 15.04 9.51
CA ASP B 97 10.42 14.68 10.78
C ASP B 97 11.04 13.30 10.67
N THR B 98 12.23 13.13 11.25
CA THR B 98 12.96 11.86 11.20
C THR B 98 13.82 11.75 12.46
N SER B 99 14.76 10.81 12.45
CA SER B 99 15.61 10.49 13.60
C SER B 99 16.74 9.55 13.19
N PRO B 100 17.93 9.67 13.78
CA PRO B 100 18.96 8.65 13.51
C PRO B 100 18.52 7.26 13.96
N TYR B 101 17.50 7.16 14.80
CA TYR B 101 17.02 5.84 15.23
C TYR B 101 16.33 5.09 14.09
N TYR B 102 15.59 5.80 13.24
CA TYR B 102 14.71 5.15 12.27
C TYR B 102 15.53 4.42 11.21
N GLY B 103 15.33 3.10 11.12
CA GLY B 103 16.11 2.30 10.20
C GLY B 103 17.60 2.30 10.53
N GLY B 104 17.96 2.56 11.77
CA GLY B 104 19.37 2.55 12.14
C GLY B 104 20.21 3.51 11.32
N THR B 105 19.71 4.74 11.10
CA THR B 105 20.24 5.87 10.34
C THR B 105 19.77 5.88 8.88
N LEU B 106 19.05 4.86 8.42
CA LEU B 106 18.68 4.80 7.01
C LEU B 106 17.61 5.84 6.66
N SER B 107 16.67 6.10 7.57
CA SER B 107 15.63 7.09 7.29
C SER B 107 16.23 8.44 6.94
N GLU B 108 17.21 8.89 7.72
CA GLU B 108 17.85 10.17 7.45
C GLU B 108 18.50 10.21 6.07
N LYS B 109 19.18 9.13 5.68
CA LYS B 109 19.80 9.07 4.36
C LYS B 109 18.77 9.10 3.25
N MET B 110 17.68 8.34 3.41
CA MET B 110 16.64 8.31 2.37
C MET B 110 15.92 9.65 2.27
N LEU B 111 15.53 10.23 3.41
CA LEU B 111 14.87 11.53 3.38
C LEU B 111 15.78 12.61 2.81
N GLY B 112 17.06 12.59 3.19
CA GLY B 112 18.01 13.53 2.60
C GLY B 112 18.06 13.44 1.09
N MET B 113 18.13 12.22 0.56
CA MET B 113 18.16 12.04 -0.88
C MET B 113 16.87 12.53 -1.55
N ALA B 114 15.71 12.22 -0.95
CA ALA B 114 14.43 12.55 -1.56
C ALA B 114 14.15 14.05 -1.49
N LEU B 115 14.55 14.71 -0.39
CA LEU B 115 14.42 16.16 -0.33
C LEU B 115 15.31 16.84 -1.36
N LYS B 116 16.52 16.31 -1.57
CA LYS B 116 17.39 16.88 -2.60
C LYS B 116 16.82 16.59 -4.00
N ALA B 117 16.27 15.39 -4.19
CA ALA B 117 15.73 15.01 -5.50
C ALA B 117 14.45 15.78 -5.84
N SER B 118 13.72 16.28 -4.84
CA SER B 118 12.46 16.94 -5.10
C SER B 118 12.65 18.26 -5.83
N GLY B 119 13.82 18.89 -5.68
CA GLY B 119 14.08 20.18 -6.28
C GLY B 119 13.45 21.37 -5.59
N VAL B 120 12.86 21.19 -4.41
CA VAL B 120 12.22 22.29 -3.70
C VAL B 120 13.25 23.10 -2.92
N PRO B 121 13.21 24.43 -2.96
CA PRO B 121 14.19 25.23 -2.23
C PRO B 121 14.13 24.99 -0.73
N ARG B 122 15.32 24.95 -0.10
CA ARG B 122 15.43 24.59 1.31
C ARG B 122 14.54 25.45 2.19
N ASP B 123 14.40 26.73 1.86
CA ASP B 123 13.73 27.68 2.75
C ASP B 123 12.22 27.59 2.70
N GLN B 124 11.65 26.63 1.96
CA GLN B 124 10.22 26.46 1.86
C GLN B 124 9.69 25.27 2.66
N TYR B 125 10.56 24.53 3.35
CA TYR B 125 10.07 23.42 4.14
C TYR B 125 10.85 23.33 5.44
N VAL B 126 10.25 22.66 6.41
CA VAL B 126 10.73 22.55 7.77
C VAL B 126 11.17 21.11 8.01
N VAL B 127 12.40 20.92 8.47
CA VAL B 127 12.96 19.60 8.74
C VAL B 127 13.23 19.48 10.23
N SER B 128 12.78 18.36 10.80
CA SER B 128 12.97 18.03 12.22
C SER B 128 13.69 16.70 12.30
N THR B 129 14.74 16.64 13.11
CA THR B 129 15.32 15.35 13.47
C THR B 129 15.66 15.36 14.96
N LYS B 130 16.23 14.25 15.43
CA LYS B 130 16.32 13.98 16.84
C LYS B 130 17.74 13.57 17.21
N CYS B 131 18.01 13.60 18.51
CA CYS B 131 19.29 13.15 19.04
C CYS B 131 18.98 12.38 20.32
N GLY B 132 19.96 11.62 20.77
CA GLY B 132 19.85 10.89 22.02
C GLY B 132 19.46 9.43 21.88
N ARG B 133 18.72 9.05 20.83
CA ARG B 133 18.29 7.68 20.64
C ARG B 133 18.91 7.12 19.36
N TYR B 134 19.61 5.99 19.48
CA TYR B 134 20.32 5.36 18.38
C TYR B 134 20.08 3.86 18.41
N LYS B 135 20.46 3.19 17.32
CA LYS B 135 20.30 1.74 17.29
C LYS B 135 21.08 1.08 18.42
N GLU B 136 22.14 1.74 18.91
CA GLU B 136 22.98 1.20 19.97
C GLU B 136 22.46 1.51 21.36
N GLY B 137 21.39 2.30 21.48
CA GLY B 137 20.89 2.70 22.78
C GLY B 137 20.73 4.20 22.95
N PHE B 138 20.73 4.67 24.20
CA PHE B 138 20.45 6.06 24.54
C PHE B 138 21.71 6.75 25.06
N ASP B 139 21.95 7.96 24.56
CA ASP B 139 23.08 8.76 25.01
C ASP B 139 22.68 10.22 24.82
N PHE B 140 22.26 10.85 25.91
CA PHE B 140 21.88 12.26 25.93
C PHE B 140 23.01 13.17 26.42
N SER B 141 24.24 12.67 26.51
CA SER B 141 25.33 13.51 26.98
C SER B 141 25.60 14.65 26.00
N ALA B 142 26.20 15.73 26.54
CA ALA B 142 26.50 16.90 25.71
C ALA B 142 27.45 16.55 24.56
N GLU B 143 28.48 15.75 24.84
CA GLU B 143 29.37 15.31 23.79
C GLU B 143 28.59 14.59 22.68
N ARG B 144 27.76 13.62 23.05
CA ARG B 144 27.03 12.84 22.06
C ARG B 144 26.15 13.73 21.17
N VAL B 145 25.27 14.53 21.80
CA VAL B 145 24.30 15.28 21.01
C VAL B 145 24.99 16.31 20.14
N THR B 146 26.15 16.82 20.57
CA THR B 146 26.91 17.76 19.74
C THR B 146 27.49 17.07 18.52
N ARG B 147 27.95 15.83 18.68
CA ARG B 147 28.40 15.01 17.55
C ARG B 147 27.22 14.62 16.66
N SER B 148 26.05 14.40 17.25
CA SER B 148 24.94 13.82 16.51
C SER B 148 24.42 14.77 15.42
N ILE B 149 24.43 16.07 15.67
CA ILE B 149 23.89 17.00 14.68
C ILE B 149 24.72 16.97 13.40
N ASP B 150 26.05 16.85 13.51
CA ASP B 150 26.89 16.76 12.33
C ASP B 150 26.66 15.46 11.57
N GLU B 151 26.46 14.36 12.30
CA GLU B 151 26.17 13.09 11.66
C GLU B 151 24.84 13.14 10.93
N SER B 152 23.82 13.78 11.52
CA SER B 152 22.52 13.89 10.87
C SER B 152 22.57 14.81 9.65
N LEU B 153 23.23 15.96 9.77
CA LEU B 153 23.32 16.86 8.63
C LEU B 153 24.02 16.18 7.45
N GLU B 154 25.05 15.37 7.73
CA GLU B 154 25.74 14.67 6.66
C GLU B 154 24.83 13.64 5.99
N ARG B 155 24.04 12.91 6.78
CA ARG B 155 23.13 11.94 6.18
C ARG B 155 21.99 12.65 5.46
N LEU B 156 21.48 13.74 6.02
CA LEU B 156 20.38 14.48 5.43
C LEU B 156 20.80 15.40 4.29
N GLN B 157 22.11 15.54 4.05
CA GLN B 157 22.64 16.47 3.06
C GLN B 157 22.07 17.88 3.23
N LEU B 158 22.09 18.38 4.46
CA LEU B 158 21.61 19.72 4.75
C LEU B 158 22.69 20.51 5.48
N ASP B 159 22.52 21.83 5.49
CA ASP B 159 23.36 22.74 6.26
C ASP B 159 22.80 23.03 7.64
N TYR B 160 21.51 22.79 7.85
CA TYR B 160 20.88 23.00 9.13
C TYR B 160 19.55 22.26 9.11
N VAL B 161 19.07 21.92 10.31
CA VAL B 161 17.71 21.46 10.51
C VAL B 161 16.95 22.58 11.22
N ASP B 162 15.63 22.63 10.99
CA ASP B 162 14.83 23.63 11.68
C ASP B 162 14.65 23.26 13.14
N ILE B 163 14.45 21.98 13.45
CA ILE B 163 14.23 21.54 14.82
C ILE B 163 15.09 20.32 15.12
N LEU B 164 15.79 20.37 16.25
CA LEU B 164 16.48 19.21 16.82
C LEU B 164 15.82 18.90 18.16
N GLN B 165 15.34 17.66 18.31
CA GLN B 165 14.53 17.26 19.45
C GLN B 165 15.16 16.09 20.21
N CYS B 166 15.15 16.16 21.53
CA CYS B 166 15.63 15.04 22.34
C CYS B 166 14.62 13.91 22.23
N HIS B 167 15.10 12.73 21.79
CA HIS B 167 14.24 11.61 21.41
C HIS B 167 13.94 10.74 22.64
N ASP B 168 12.64 10.66 23.00
CA ASP B 168 12.13 9.71 24.00
C ASP B 168 12.88 9.86 25.34
N ILE B 169 12.79 11.06 25.92
CA ILE B 169 13.61 11.37 27.08
C ILE B 169 13.21 10.58 28.32
N GLU B 170 12.07 9.87 28.31
CA GLU B 170 11.72 9.06 29.47
C GLU B 170 12.61 7.83 29.62
N PHE B 171 13.47 7.55 28.64
CA PHE B 171 14.51 6.52 28.76
C PHE B 171 15.83 7.06 29.30
N GLY B 172 15.92 8.36 29.60
CA GLY B 172 17.12 8.90 30.22
C GLY B 172 16.85 9.47 31.60
N SER B 173 17.83 10.18 32.16
CA SER B 173 17.62 10.98 33.36
C SER B 173 16.99 12.30 32.95
N LEU B 174 15.76 12.56 33.40
CA LEU B 174 15.16 13.87 33.14
C LEU B 174 16.01 15.03 33.68
N ASP B 175 16.74 14.78 34.79
CA ASP B 175 17.64 15.81 35.30
C ASP B 175 18.78 16.09 34.32
N GLN B 176 19.28 15.03 33.67
CA GLN B 176 20.33 15.21 32.66
C GLN B 176 19.82 16.00 31.46
N ILE B 177 18.56 15.77 31.05
CA ILE B 177 17.98 16.54 29.95
C ILE B 177 17.93 18.02 30.30
N VAL B 178 17.48 18.32 31.52
CA VAL B 178 17.35 19.72 31.95
C VAL B 178 18.72 20.38 32.09
N ASN B 179 19.66 19.70 32.74
CA ASN B 179 20.90 20.35 33.15
C ASN B 179 22.06 20.18 32.17
N GLU B 180 22.01 19.19 31.28
CA GLU B 180 23.14 18.95 30.37
C GLU B 180 22.71 18.98 28.90
N THR B 181 21.69 18.21 28.53
CA THR B 181 21.37 18.05 27.10
C THR B 181 20.82 19.33 26.51
N ILE B 182 19.82 19.93 27.16
CA ILE B 182 19.21 21.14 26.60
C ILE B 182 20.19 22.29 26.53
N PRO B 183 21.03 22.57 27.55
CA PRO B 183 22.09 23.58 27.36
C PRO B 183 23.07 23.24 26.24
N ALA B 184 23.40 21.94 26.06
CA ALA B 184 24.20 21.56 24.90
C ALA B 184 23.52 21.97 23.61
N LEU B 185 22.20 21.79 23.53
CA LEU B 185 21.47 22.15 22.32
C LEU B 185 21.37 23.65 22.14
N LEU B 186 21.36 24.41 23.26
CA LEU B 186 21.35 25.86 23.14
C LEU B 186 22.65 26.38 22.53
N LYS B 187 23.78 25.74 22.85
CA LYS B 187 25.05 26.08 22.21
C LYS B 187 25.00 25.78 20.72
N LEU B 188 24.38 24.67 20.32
CA LEU B 188 24.25 24.32 18.91
C LEU B 188 23.42 25.36 18.16
N LYS B 189 22.38 25.89 18.79
CA LYS B 189 21.56 26.92 18.16
C LYS B 189 22.42 28.12 17.79
N GLN B 190 23.39 28.46 18.63
CA GLN B 190 24.30 29.56 18.32
C GLN B 190 25.15 29.26 17.11
N THR B 191 25.48 27.98 16.86
CA THR B 191 26.27 27.65 15.67
C THR B 191 25.48 27.77 14.38
N GLY B 192 24.15 27.88 14.46
CA GLY B 192 23.32 27.93 13.27
C GLY B 192 22.91 26.59 12.70
N LYS B 193 23.46 25.48 13.20
CA LYS B 193 23.14 24.16 12.64
C LYS B 193 21.72 23.72 12.98
N ILE B 194 21.11 24.28 14.03
CA ILE B 194 19.71 24.08 14.35
C ILE B 194 19.09 25.44 14.62
N ARG B 195 17.78 25.52 14.43
CA ARG B 195 17.05 26.75 14.72
C ARG B 195 16.18 26.66 15.97
N PHE B 196 15.65 25.48 16.30
CA PHE B 196 14.72 25.36 17.41
C PHE B 196 14.95 24.03 18.10
N ILE B 197 14.46 23.95 19.33
CA ILE B 197 14.76 22.85 20.24
C ILE B 197 13.45 22.18 20.65
N GLY B 198 13.45 20.84 20.67
CA GLY B 198 12.30 20.08 21.11
C GLY B 198 12.66 18.99 22.11
N ILE B 199 11.62 18.45 22.74
CA ILE B 199 11.68 17.23 23.54
C ILE B 199 10.52 16.34 23.11
N THR B 200 10.74 15.01 23.09
CA THR B 200 9.72 14.04 22.69
C THR B 200 9.66 12.87 23.68
N GLY B 201 8.57 12.11 23.59
CA GLY B 201 8.38 10.95 24.42
C GLY B 201 6.91 10.70 24.68
N LEU B 202 6.64 9.62 25.46
CA LEU B 202 5.26 9.15 25.64
C LEU B 202 4.56 9.71 26.88
N PRO B 203 5.11 9.59 28.10
CA PRO B 203 4.33 10.02 29.27
C PRO B 203 4.28 11.53 29.29
N LEU B 204 3.07 12.08 29.45
CA LEU B 204 2.90 13.53 29.37
C LEU B 204 3.68 14.25 30.46
N GLY B 205 3.93 13.59 31.60
CA GLY B 205 4.67 14.22 32.69
C GLY B 205 6.11 14.56 32.39
N ILE B 206 6.72 13.98 31.33
CA ILE B 206 8.09 14.37 30.98
C ILE B 206 8.10 15.83 30.53
N PHE B 207 6.99 16.34 30.00
CA PHE B 207 6.95 17.69 29.48
C PHE B 207 6.78 18.72 30.60
N THR B 208 5.91 18.45 31.56
CA THR B 208 5.80 19.36 32.70
C THR B 208 7.06 19.30 33.57
N TYR B 209 7.65 18.12 33.75
CA TYR B 209 8.88 18.04 34.52
C TYR B 209 9.96 18.92 33.90
N VAL B 210 10.20 18.78 32.61
CA VAL B 210 11.28 19.53 31.99
C VAL B 210 10.93 21.02 31.91
N LEU B 211 9.74 21.34 31.43
CA LEU B 211 9.39 22.74 31.22
C LEU B 211 9.23 23.50 32.53
N ASP B 212 9.00 22.81 33.65
CA ASP B 212 8.98 23.52 34.93
C ASP B 212 10.37 23.93 35.39
N ARG B 213 11.42 23.27 34.88
CA ARG B 213 12.75 23.39 35.46
C ARG B 213 13.77 24.07 34.55
N VAL B 214 13.46 24.28 33.28
CA VAL B 214 14.40 24.96 32.41
C VAL B 214 14.14 26.46 32.43
N PRO B 215 15.17 27.27 32.26
CA PRO B 215 14.97 28.71 32.06
C PRO B 215 14.04 28.95 30.89
N PRO B 216 13.15 29.93 30.98
CA PRO B 216 12.17 30.16 29.92
C PRO B 216 12.84 30.47 28.59
N GLY B 217 12.29 29.91 27.51
CA GLY B 217 12.86 30.03 26.17
C GLY B 217 13.82 28.95 25.76
N SER B 218 14.09 27.97 26.64
CA SER B 218 15.07 26.94 26.31
C SER B 218 14.52 25.91 25.33
N VAL B 219 13.22 25.61 25.41
CA VAL B 219 12.56 24.60 24.60
C VAL B 219 11.49 25.28 23.76
N ASP B 220 11.50 25.01 22.46
CA ASP B 220 10.55 25.67 21.57
C ASP B 220 9.35 24.79 21.23
N VAL B 221 9.55 23.49 21.19
CA VAL B 221 8.58 22.58 20.64
C VAL B 221 8.49 21.35 21.52
N VAL B 222 7.31 20.78 21.61
CA VAL B 222 7.09 19.48 22.22
C VAL B 222 6.49 18.55 21.17
N LEU B 223 6.90 17.28 21.20
CA LEU B 223 6.35 16.28 20.31
C LEU B 223 5.76 15.17 21.16
N SER B 224 4.43 15.09 21.18
CA SER B 224 3.71 14.05 21.88
C SER B 224 3.24 12.99 20.88
N TYR B 225 2.99 11.79 21.39
CA TYR B 225 2.39 10.78 20.54
C TYR B 225 1.50 9.88 21.40
N CYS B 226 0.46 9.33 20.75
CA CYS B 226 -0.50 8.39 21.32
C CYS B 226 -1.47 9.04 22.31
N HIS B 227 -1.50 10.37 22.41
CA HIS B 227 -2.38 11.03 23.36
C HIS B 227 -3.31 12.04 22.72
N PHE B 228 -3.44 12.02 21.39
CA PHE B 228 -4.53 12.76 20.76
C PHE B 228 -5.09 11.92 19.61
N SER B 229 -5.90 10.94 20.01
CA SER B 229 -6.63 10.08 19.10
C SER B 229 -7.94 9.74 19.79
N ILE B 230 -8.81 9.04 19.07
CA ILE B 230 -10.15 8.79 19.59
C ILE B 230 -10.07 8.06 20.92
N ASN B 231 -9.11 7.14 21.07
CA ASN B 231 -9.04 6.35 22.30
C ASN B 231 -8.44 7.11 23.46
N ASP B 232 -7.73 8.20 23.18
CA ASP B 232 -6.95 8.86 24.22
C ASP B 232 -6.71 10.29 23.76
N ASN B 233 -7.36 11.26 24.40
CA ASN B 233 -7.21 12.66 24.04
C ASN B 233 -6.61 13.47 25.19
N THR B 234 -5.79 12.82 26.03
CA THR B 234 -5.28 13.48 27.22
C THR B 234 -4.24 14.55 26.95
N LEU B 235 -3.68 14.61 25.73
CA LEU B 235 -2.90 15.79 25.35
C LEU B 235 -3.68 17.09 25.55
N GLU B 236 -5.01 17.06 25.45
CA GLU B 236 -5.78 18.28 25.68
C GLU B 236 -5.50 18.87 27.07
N ASP B 237 -5.28 18.03 28.08
CA ASP B 237 -5.01 18.53 29.42
C ASP B 237 -3.71 19.31 29.50
N LEU B 238 -2.79 19.09 28.56
CA LEU B 238 -1.51 19.76 28.56
C LEU B 238 -1.48 21.01 27.69
N LEU B 239 -2.45 21.19 26.82
CA LEU B 239 -2.42 22.29 25.86
C LEU B 239 -2.34 23.66 26.54
N PRO B 240 -3.17 24.00 27.53
CA PRO B 240 -3.05 25.34 28.14
C PRO B 240 -1.72 25.56 28.83
N TYR B 241 -1.20 24.51 29.48
CA TYR B 241 0.11 24.62 30.13
C TYR B 241 1.20 24.96 29.10
N LEU B 242 1.20 24.24 27.96
CA LEU B 242 2.18 24.52 26.91
C LEU B 242 1.96 25.91 26.31
N LYS B 243 0.70 26.27 26.05
CA LYS B 243 0.40 27.59 25.49
C LYS B 243 0.85 28.69 26.42
N SER B 244 0.67 28.51 27.72
CA SER B 244 1.11 29.52 28.67
C SER B 244 2.60 29.76 28.59
N LYS B 245 3.37 28.76 28.17
CA LYS B 245 4.82 28.86 27.98
C LYS B 245 5.21 29.32 26.59
N GLY B 246 4.24 29.49 25.68
CA GLY B 246 4.58 29.77 24.30
C GLY B 246 5.32 28.68 23.54
N VAL B 247 5.22 27.40 23.95
CA VAL B 247 5.95 26.36 23.23
C VAL B 247 5.03 25.67 22.23
N GLY B 248 5.60 25.30 21.09
CA GLY B 248 4.82 24.64 20.06
C GLY B 248 4.48 23.21 20.40
N ILE B 249 3.38 22.73 19.82
CA ILE B 249 2.82 21.42 20.16
C ILE B 249 2.65 20.63 18.88
N ILE B 250 3.32 19.48 18.82
CA ILE B 250 3.23 18.54 17.70
C ILE B 250 2.76 17.22 18.28
N SER B 251 1.79 16.59 17.63
CA SER B 251 1.37 15.26 18.06
C SER B 251 1.65 14.26 16.95
N ALA B 252 1.54 12.98 17.29
CA ALA B 252 1.87 11.90 16.37
C ALA B 252 1.04 10.68 16.74
N SER B 253 1.16 9.63 15.94
CA SER B 253 0.40 8.39 16.11
C SER B 253 -1.12 8.58 16.19
N PRO B 254 -1.72 9.20 15.18
CA PRO B 254 -3.19 9.38 15.21
C PRO B 254 -3.97 8.07 15.23
N LEU B 255 -3.36 6.98 14.78
CA LEU B 255 -3.98 5.66 14.85
C LEU B 255 -3.52 4.86 16.07
N ALA B 256 -2.82 5.51 17.02
CA ALA B 256 -2.30 4.83 18.22
C ALA B 256 -1.49 3.58 17.83
N MET B 257 -0.63 3.74 16.83
CA MET B 257 0.33 2.72 16.41
C MET B 257 -0.37 1.46 15.89
N GLY B 258 -1.48 1.63 15.18
CA GLY B 258 -2.20 0.52 14.58
C GLY B 258 -3.43 0.04 15.31
N LEU B 259 -3.70 0.57 16.50
CA LEU B 259 -4.92 0.19 17.22
C LEU B 259 -6.17 0.59 16.43
N LEU B 260 -6.17 1.78 15.82
CA LEU B 260 -7.35 2.29 15.14
C LEU B 260 -7.21 2.02 13.64
N THR B 261 -7.16 0.72 13.32
CA THR B 261 -7.05 0.23 11.95
C THR B 261 -7.88 -1.04 11.84
N GLU B 262 -8.34 -1.35 10.63
CA GLU B 262 -9.08 -2.59 10.44
C GLU B 262 -8.20 -3.82 10.64
N GLY B 263 -6.88 -3.69 10.37
CA GLY B 263 -5.95 -4.79 10.54
C GLY B 263 -5.45 -5.01 11.97
N GLY B 264 -5.65 -4.04 12.86
CA GLY B 264 -5.24 -4.17 14.24
C GLY B 264 -3.76 -3.87 14.44
N PRO B 265 -3.32 -3.89 15.69
CA PRO B 265 -1.94 -3.46 16.01
C PRO B 265 -0.96 -4.59 15.78
N PRO B 266 0.34 -4.30 15.70
CA PRO B 266 1.34 -5.37 15.61
C PRO B 266 1.49 -6.11 16.93
N GLU B 267 2.08 -7.31 16.83
CA GLU B 267 2.21 -8.18 17.99
C GLU B 267 3.04 -7.55 19.10
N TRP B 268 3.94 -6.64 18.77
CA TRP B 268 4.74 -6.00 19.82
C TRP B 268 4.00 -4.89 20.55
N HIS B 269 2.77 -4.56 20.13
CA HIS B 269 2.10 -3.39 20.69
C HIS B 269 1.97 -3.53 22.21
N PRO B 270 2.36 -2.53 22.99
CA PRO B 270 2.33 -2.62 24.46
C PRO B 270 1.00 -2.23 25.11
N ALA B 271 -0.08 -2.03 24.36
CA ALA B 271 -1.35 -1.64 24.96
C ALA B 271 -1.91 -2.78 25.80
N PRO B 272 -2.67 -2.46 26.85
CA PRO B 272 -3.29 -3.53 27.68
C PRO B 272 -4.42 -4.21 26.93
N PRO B 273 -4.78 -5.43 27.32
CA PRO B 273 -5.81 -6.19 26.56
C PRO B 273 -7.18 -5.52 26.53
N GLU B 274 -7.49 -4.69 27.54
CA GLU B 274 -8.76 -3.98 27.55
C GLU B 274 -8.84 -2.92 26.46
N LEU B 275 -7.72 -2.26 26.18
CA LEU B 275 -7.69 -1.29 25.09
C LEU B 275 -7.69 -1.98 23.73
N LYS B 276 -6.83 -3.00 23.55
CA LYS B 276 -6.80 -3.74 22.29
C LYS B 276 -8.17 -4.30 21.92
N SER B 277 -8.86 -4.89 22.90
CA SER B 277 -10.13 -5.53 22.59
C SER B 277 -11.21 -4.51 22.24
N ALA B 278 -11.22 -3.35 22.91
CA ALA B 278 -12.20 -2.32 22.57
C ALA B 278 -11.92 -1.74 21.19
N CYS B 279 -10.64 -1.54 20.86
CA CYS B 279 -10.29 -1.00 19.55
C CYS B 279 -10.66 -1.97 18.44
N GLN B 280 -10.47 -3.28 18.68
CA GLN B 280 -10.82 -4.26 17.68
C GLN B 280 -12.32 -4.22 17.39
N ASP B 281 -13.13 -4.09 18.45
CA ASP B 281 -14.57 -3.94 18.28
C ASP B 281 -14.92 -2.66 17.52
N ALA B 282 -14.23 -1.57 17.82
CA ALA B 282 -14.50 -0.31 17.12
C ALA B 282 -14.19 -0.44 15.63
N ALA B 283 -13.05 -1.08 15.29
CA ALA B 283 -12.70 -1.24 13.88
C ALA B 283 -13.73 -2.09 13.15
N ALA B 284 -14.16 -3.19 13.77
CA ALA B 284 -15.15 -4.07 13.17
C ALA B 284 -16.50 -3.39 13.03
N PHE B 285 -16.84 -2.51 13.99
CA PHE B 285 -18.09 -1.76 13.87
C PHE B 285 -18.07 -0.88 12.63
N CYS B 286 -16.99 -0.10 12.45
CA CYS B 286 -16.86 0.72 11.26
C CYS B 286 -16.92 -0.14 9.99
N GLN B 287 -16.18 -1.25 9.98
CA GLN B 287 -16.23 -2.14 8.82
C GLN B 287 -17.66 -2.54 8.48
N LYS B 288 -18.49 -2.82 9.49
CA LYS B 288 -19.84 -3.28 9.21
C LYS B 288 -20.71 -2.17 8.61
N LYS B 289 -20.43 -0.90 8.96
CA LYS B 289 -21.06 0.26 8.35
C LYS B 289 -20.53 0.56 6.95
N GLY B 290 -19.54 -0.17 6.47
CA GLY B 290 -18.93 0.12 5.19
C GLY B 290 -17.89 1.21 5.20
N LYS B 291 -17.29 1.50 6.37
CA LYS B 291 -16.39 2.63 6.55
C LYS B 291 -15.06 2.17 7.14
N ASN B 292 -14.06 3.03 7.02
CA ASN B 292 -12.72 2.76 7.53
C ASN B 292 -12.52 3.57 8.81
N ILE B 293 -12.26 2.88 9.91
CA ILE B 293 -12.00 3.57 11.17
C ILE B 293 -10.80 4.50 11.03
N SER B 294 -9.81 4.09 10.23
CA SER B 294 -8.57 4.86 10.12
C SER B 294 -8.81 6.25 9.55
N LYS B 295 -9.79 6.39 8.67
CA LYS B 295 -10.13 7.72 8.16
C LYS B 295 -10.73 8.57 9.26
N LEU B 296 -11.63 7.99 10.05
CA LEU B 296 -12.26 8.74 11.14
C LEU B 296 -11.23 9.16 12.18
N ALA B 297 -10.29 8.26 12.50
CA ALA B 297 -9.30 8.53 13.54
C ALA B 297 -8.33 9.63 13.09
N MET B 298 -7.88 9.58 11.84
CA MET B 298 -7.05 10.65 11.31
C MET B 298 -7.79 11.98 11.37
N GLN B 299 -9.05 12.01 10.91
CA GLN B 299 -9.81 13.26 10.95
C GLN B 299 -9.94 13.80 12.38
N TYR B 300 -10.25 12.93 13.34
CA TYR B 300 -10.37 13.35 14.73
C TYR B 300 -9.10 14.03 15.22
N SER B 301 -7.95 13.48 14.86
CA SER B 301 -6.67 13.98 15.35
C SER B 301 -6.40 15.40 14.88
N LEU B 302 -7.08 15.84 13.83
CA LEU B 302 -6.91 17.18 13.29
C LEU B 302 -7.97 18.17 13.80
N THR B 303 -8.78 17.79 14.78
CA THR B 303 -9.89 18.66 15.17
C THR B 303 -9.53 19.67 16.25
N ASN B 304 -8.26 19.76 16.66
CA ASN B 304 -7.86 20.76 17.64
C ASN B 304 -6.66 21.51 17.11
N LYS B 305 -6.90 22.76 16.68
CA LYS B 305 -5.87 23.54 15.99
C LYS B 305 -4.81 24.12 16.93
N ASP B 306 -4.91 23.90 18.25
CA ASP B 306 -3.77 24.21 19.12
C ASP B 306 -2.61 23.23 18.93
N ILE B 307 -2.89 22.09 18.32
CA ILE B 307 -1.88 21.12 17.89
C ILE B 307 -1.50 21.51 16.47
N SER B 308 -0.25 21.95 16.27
CA SER B 308 0.15 22.57 15.01
C SER B 308 0.27 21.57 13.88
N SER B 309 0.73 20.35 14.16
CA SER B 309 0.79 19.34 13.11
C SER B 309 0.64 17.97 13.73
N VAL B 310 -0.01 17.07 12.99
CA VAL B 310 -0.04 15.65 13.33
C VAL B 310 0.89 14.93 12.36
N LEU B 311 2.01 14.43 12.89
CA LEU B 311 2.97 13.65 12.12
C LEU B 311 2.44 12.24 11.94
N VAL B 312 2.43 11.76 10.70
CA VAL B 312 2.02 10.38 10.44
C VAL B 312 3.07 9.71 9.56
N GLY B 313 3.39 8.45 9.89
CA GLY B 313 4.35 7.67 9.14
C GLY B 313 3.93 7.54 7.70
N MET B 314 4.81 7.92 6.78
CA MET B 314 4.51 7.83 5.36
C MET B 314 5.73 7.29 4.65
N ASN B 315 5.51 6.35 3.74
CA ASN B 315 6.60 5.84 2.90
C ASN B 315 6.15 5.64 1.45
N SER B 316 4.94 6.04 1.09
CA SER B 316 4.41 5.75 -0.23
C SER B 316 3.53 6.90 -0.68
N VAL B 317 3.38 7.04 -2.00
CA VAL B 317 2.37 7.94 -2.53
C VAL B 317 1.02 7.62 -1.91
N LYS B 318 0.69 6.33 -1.82
CA LYS B 318 -0.58 5.90 -1.24
C LYS B 318 -0.78 6.49 0.15
N GLN B 319 0.21 6.34 1.02
CA GLN B 319 0.05 6.79 2.40
C GLN B 319 -0.01 8.31 2.50
N VAL B 320 0.82 9.01 1.73
CA VAL B 320 0.70 10.46 1.66
C VAL B 320 -0.70 10.84 1.20
N GLY B 321 -1.16 10.25 0.10
CA GLY B 321 -2.41 10.67 -0.50
C GLY B 321 -3.60 10.40 0.39
N GLU B 322 -3.65 9.22 1.02
CA GLU B 322 -4.78 8.88 1.87
C GLU B 322 -4.87 9.79 3.08
N ASN B 323 -3.72 10.15 3.66
CA ASN B 323 -3.74 10.98 4.85
C ASN B 323 -4.13 12.42 4.51
N VAL B 324 -3.52 12.99 3.47
CA VAL B 324 -3.92 14.31 3.04
C VAL B 324 -5.39 14.31 2.60
N ALA B 325 -5.84 13.20 1.99
CA ALA B 325 -7.23 13.10 1.57
C ALA B 325 -8.18 13.19 2.77
N ALA B 326 -7.86 12.48 3.87
CA ALA B 326 -8.68 12.58 5.06
C ALA B 326 -8.73 14.01 5.59
N ALA B 327 -7.59 14.72 5.53
CA ALA B 327 -7.50 16.06 6.08
C ALA B 327 -8.32 17.06 5.27
N ILE B 328 -8.23 16.98 3.94
CA ILE B 328 -9.02 17.87 3.10
C ILE B 328 -10.51 17.58 3.25
N GLU B 329 -10.87 16.29 3.38
CA GLU B 329 -12.28 15.93 3.51
C GLU B 329 -12.86 16.34 4.85
N LEU B 330 -12.03 16.42 5.89
CA LEU B 330 -12.50 17.00 7.15
C LEU B 330 -12.99 18.42 6.94
N VAL B 331 -12.28 19.18 6.09
CA VAL B 331 -12.62 20.58 5.91
C VAL B 331 -13.85 20.74 5.02
N SER B 332 -13.96 19.92 3.96
CA SER B 332 -14.99 20.12 2.96
C SER B 332 -16.25 19.29 3.19
N ALA B 333 -16.12 18.04 3.64
CA ALA B 333 -17.27 17.20 3.92
C ALA B 333 -17.57 17.06 5.40
N GLY B 334 -16.59 17.28 6.25
CA GLY B 334 -16.80 17.12 7.67
C GLY B 334 -16.52 15.70 8.15
N MET B 335 -16.31 15.60 9.44
CA MET B 335 -16.17 14.33 10.10
C MET B 335 -17.56 13.75 10.39
N ASP B 336 -17.68 12.44 10.26
CA ASP B 336 -18.96 11.77 10.48
C ASP B 336 -19.17 11.67 11.99
N GLN B 337 -19.94 12.61 12.54
CA GLN B 337 -20.17 12.65 13.98
C GLN B 337 -21.00 11.47 14.47
N GLU B 338 -21.98 11.02 13.67
CA GLU B 338 -22.78 9.87 14.07
C GLU B 338 -21.90 8.61 14.21
N MET B 339 -20.98 8.43 13.27
CA MET B 339 -20.00 7.35 13.40
C MET B 339 -19.14 7.54 14.65
N LEU B 340 -18.66 8.77 14.87
CA LEU B 340 -17.77 9.04 16.00
C LEU B 340 -18.44 8.73 17.33
N SER B 341 -19.66 9.21 17.56
CA SER B 341 -20.37 8.89 18.80
C SER B 341 -20.44 7.39 19.05
N GLU B 342 -20.72 6.60 17.99
CA GLU B 342 -20.80 5.15 18.14
C GLU B 342 -19.45 4.55 18.55
N VAL B 343 -18.37 4.98 17.90
CA VAL B 343 -17.04 4.47 18.20
C VAL B 343 -16.62 4.85 19.62
N GLU B 344 -16.99 6.07 20.05
CA GLU B 344 -16.61 6.50 21.39
C GLU B 344 -17.30 5.68 22.46
N ALA B 345 -18.56 5.27 22.23
CA ALA B 345 -19.20 4.36 23.16
C ALA B 345 -18.47 3.01 23.20
N ILE B 346 -18.05 2.50 22.04
CA ILE B 346 -17.36 1.20 22.00
C ILE B 346 -15.97 1.32 22.63
N LEU B 347 -15.30 2.46 22.43
CA LEU B 347 -13.97 2.63 23.00
C LEU B 347 -13.99 2.92 24.50
N LYS B 348 -15.17 3.13 25.10
CA LYS B 348 -15.21 3.63 26.47
C LYS B 348 -14.43 2.77 27.47
N PRO B 349 -14.45 1.44 27.42
CA PRO B 349 -13.62 0.66 28.37
C PRO B 349 -12.14 0.87 28.19
N GLY B 350 -11.67 1.25 27.00
CA GLY B 350 -10.26 1.50 26.86
C GLY B 350 -9.84 2.96 26.98
N LYS B 351 -10.78 3.84 27.30
CA LYS B 351 -10.54 5.28 27.20
C LYS B 351 -9.39 5.72 28.10
N ASN B 352 -8.43 6.44 27.49
CA ASN B 352 -7.28 7.04 28.15
C ASN B 352 -6.34 6.02 28.78
N LEU B 353 -6.53 4.72 28.51
CA LEU B 353 -5.56 3.73 28.95
C LEU B 353 -4.23 3.95 28.24
N THR B 354 -3.14 3.81 29.00
CA THR B 354 -1.82 3.95 28.44
C THR B 354 -0.96 2.79 28.95
N TRP B 355 0.34 2.88 28.79
CA TRP B 355 1.22 1.77 29.08
C TRP B 355 2.54 2.31 29.57
N PRO B 356 3.32 1.51 30.30
CA PRO B 356 4.61 2.00 30.79
C PRO B 356 5.58 2.28 29.65
N SER B 357 6.44 3.26 29.86
CA SER B 357 7.50 3.58 28.91
C SER B 357 8.68 4.18 29.67
N GLY B 358 9.89 3.86 29.22
CA GLY B 358 11.08 4.46 29.80
C GLY B 358 11.56 3.75 31.05
N ILE B 359 12.43 4.44 31.79
CA ILE B 359 13.05 3.88 33.00
C ILE B 359 12.54 4.52 34.30
#